data_5JRN
#
_entry.id   5JRN
#
_cell.length_a   105.700
_cell.length_b   36.100
_cell.length_c   48.800
_cell.angle_alpha   90.00
_cell.angle_beta   90.00
_cell.angle_gamma   90.00
#
_symmetry.space_group_name_H-M   'P 21 21 2'
#
loop_
_entity.id
_entity.type
_entity.pdbx_description
1 polymer Endo-1,4-beta-xylanase
2 non-polymer GLYCEROL
3 non-polymer 'methyl beta-D-xylopyranoside'
4 water water
#
_entity_poly.entity_id   1
_entity_poly.type   'polypeptide(L)'
_entity_poly.pdbx_seq_one_letter_code
;GAMDKRTQPTTGTSGGYYFSFWTDTPNSVTYTNGNGGQFSMQWSGNGNHVGGKGWMPGTSRTIKYSGSYNPNGNSYLAVY
GWTRNPLIEYYIVENFGTYNPSSGGQKKGEVNVDGSVYDIYVSTRVNAPSIDGNKTFQQYWSVRRNKRSSGSVNTGAHFQ
AWKNVGLNLGTHDYQILAVEGYYSSGSASMTVSQ
;
_entity_poly.pdbx_strand_id   A
#
# COMPACT_ATOMS: atom_id res chain seq x y z
N ARG A 6 8.64 2.31 18.15
CA ARG A 6 7.89 2.81 19.30
C ARG A 6 6.46 3.16 18.91
N THR A 7 6.01 2.70 17.76
CA THR A 7 4.65 2.94 17.31
C THR A 7 4.06 1.69 16.69
N GLN A 8 3.12 1.07 17.39
CA GLN A 8 2.65 -0.07 16.61
C GLN A 8 1.17 0.08 16.28
N PRO A 9 0.98 -0.45 15.06
CA PRO A 9 -0.25 -0.23 14.31
C PRO A 9 -1.46 -0.88 14.97
N THR A 10 -2.61 -0.23 14.87
CA THR A 10 -3.86 -0.80 15.33
C THR A 10 -4.39 -1.76 14.28
N THR A 11 -4.26 -3.06 14.56
CA THR A 11 -4.70 -4.09 13.64
C THR A 11 -5.95 -4.78 14.14
N GLY A 12 -6.60 -5.55 13.28
CA GLY A 12 -7.77 -6.30 13.70
C GLY A 12 -8.63 -6.81 12.56
N THR A 13 -9.93 -6.94 12.83
CA THR A 13 -10.88 -7.41 11.83
C THR A 13 -12.08 -6.48 11.74
N SER A 14 -12.60 -6.31 10.53
CA SER A 14 -13.80 -5.49 10.33
C SER A 14 -14.45 -5.78 8.98
N GLY A 15 -15.70 -6.21 9.02
CA GLY A 15 -16.47 -6.45 7.82
C GLY A 15 -16.03 -7.66 7.01
N GLY A 16 -15.43 -8.63 7.70
CA GLY A 16 -14.97 -9.84 7.05
C GLY A 16 -13.59 -9.68 6.44
N TYR A 17 -12.93 -8.57 6.75
CA TYR A 17 -11.58 -8.30 6.26
C TYR A 17 -10.64 -7.93 7.41
N TYR A 18 -9.36 -8.24 7.22
CA TYR A 18 -8.33 -7.81 8.16
C TYR A 18 -8.06 -6.33 7.95
N PHE A 19 -7.86 -5.57 9.01
CA PHE A 19 -7.54 -4.15 8.82
C PHE A 19 -6.32 -3.74 9.62
N SER A 20 -5.55 -2.82 9.05
CA SER A 20 -4.36 -2.29 9.70
C SER A 20 -4.32 -0.77 9.57
N PHE A 21 -4.14 -0.08 10.70
CA PHE A 21 -4.08 1.37 10.69
C PHE A 21 -2.95 1.89 11.57
N TRP A 22 -1.98 2.57 10.96
CA TRP A 22 -0.81 3.06 11.66
C TRP A 22 -0.63 4.56 11.49
N THR A 23 -0.20 5.22 12.56
CA THR A 23 0.10 6.65 12.53
C THR A 23 0.99 7.06 13.71
N ASP A 24 1.84 8.06 13.50
CA ASP A 24 2.67 8.59 14.58
C ASP A 24 2.05 9.85 15.16
N THR A 25 0.95 10.29 14.56
CA THR A 25 0.23 11.46 15.03
C THR A 25 -1.28 11.22 14.98
N PRO A 26 -1.82 10.58 16.03
CA PRO A 26 -3.21 10.15 16.11
C PRO A 26 -4.24 11.27 15.94
N ASN A 27 -3.85 12.51 16.29
CA ASN A 27 -4.79 13.63 16.23
C ASN A 27 -4.88 14.24 14.84
N SER A 28 -3.94 13.89 13.97
CA SER A 28 -3.87 14.46 12.64
C SER A 28 -4.70 13.65 11.64
N VAL A 29 -5.09 12.45 12.04
CA VAL A 29 -5.76 11.53 11.14
C VAL A 29 -6.94 10.83 11.81
N THR A 30 -7.99 10.61 11.02
CA THR A 30 -9.14 9.82 11.46
C THR A 30 -9.35 8.65 10.51
N TYR A 31 -9.19 7.44 11.06
CA TYR A 31 -9.44 6.21 10.32
C TYR A 31 -10.71 5.57 10.84
N THR A 32 -11.57 5.15 9.91
CA THR A 32 -12.86 4.57 10.28
C THR A 32 -13.15 3.32 9.45
N ASN A 33 -13.53 2.25 10.13
CA ASN A 33 -13.97 1.03 9.47
C ASN A 33 -15.48 1.04 9.26
N GLY A 34 -15.89 0.75 8.04
CA GLY A 34 -17.30 0.65 7.71
C GLY A 34 -17.70 -0.77 7.42
N ASN A 35 -18.97 -0.97 7.09
CA ASN A 35 -19.46 -2.30 6.74
CA ASN A 35 -19.45 -2.31 6.76
C ASN A 35 -18.78 -2.85 5.49
N GLY A 36 -18.70 -4.17 5.39
CA GLY A 36 -18.06 -4.81 4.25
C GLY A 36 -16.57 -4.53 4.23
N GLY A 37 -16.04 -4.22 3.05
CA GLY A 37 -14.63 -3.91 2.91
C GLY A 37 -14.36 -2.41 2.88
N GLN A 38 -15.28 -1.65 3.46
CA GLN A 38 -15.17 -0.19 3.42
C GLN A 38 -14.29 0.33 4.55
N PHE A 39 -13.49 1.34 4.22
CA PHE A 39 -12.73 2.11 5.21
C PHE A 39 -12.54 3.53 4.69
N SER A 40 -12.59 4.48 5.60
CA SER A 40 -12.41 5.88 5.24
C SER A 40 -11.29 6.49 6.08
N MET A 41 -10.33 7.11 5.41
CA MET A 41 -9.25 7.79 6.13
C MET A 41 -9.25 9.27 5.78
N GLN A 42 -8.96 10.11 6.77
CA GLN A 42 -8.99 11.55 6.57
C GLN A 42 -7.90 12.24 7.38
N TRP A 43 -7.03 13.01 6.71
CA TRP A 43 -5.90 13.59 7.42
C TRP A 43 -5.50 14.98 6.92
N SER A 44 -4.67 15.65 7.72
CA SER A 44 -4.11 16.95 7.37
C SER A 44 -3.00 17.31 8.35
N GLY A 45 -2.07 18.14 7.91
CA GLY A 45 -1.01 18.64 8.78
C GLY A 45 0.13 17.67 9.00
N ASN A 46 0.61 17.61 10.24
CA ASN A 46 1.78 16.82 10.60
C ASN A 46 1.49 15.34 10.78
N GLY A 47 2.40 14.47 10.34
CA GLY A 47 2.28 13.05 10.63
C GLY A 47 2.43 12.09 9.48
N ASN A 48 2.66 10.83 9.82
CA ASN A 48 2.76 9.74 8.86
C ASN A 48 1.64 8.73 9.07
N HIS A 49 0.74 8.62 8.11
CA HIS A 49 -0.45 7.78 8.29
C HIS A 49 -0.63 6.76 7.17
N VAL A 50 -0.78 5.49 7.53
CA VAL A 50 -1.06 4.43 6.57
C VAL A 50 -2.17 3.51 7.07
N GLY A 51 -3.29 3.45 6.34
CA GLY A 51 -4.40 2.62 6.79
C GLY A 51 -5.10 1.85 5.68
N GLY A 52 -5.75 0.74 6.03
CA GLY A 52 -6.51 0.00 5.05
C GLY A 52 -7.02 -1.38 5.45
N LYS A 53 -7.81 -1.97 4.55
CA LYS A 53 -8.39 -3.29 4.73
C LYS A 53 -7.88 -4.28 3.66
N GLY A 54 -7.79 -5.55 4.03
CA GLY A 54 -7.30 -6.59 3.15
C GLY A 54 -7.30 -7.97 3.80
N TRP A 55 -6.24 -8.72 3.53
CA TRP A 55 -6.15 -10.12 3.94
C TRP A 55 -4.93 -10.39 4.80
N MET A 56 -4.99 -11.45 5.60
CA MET A 56 -3.86 -11.91 6.40
C MET A 56 -3.84 -13.43 6.49
N PRO A 57 -2.85 -14.06 5.84
CA PRO A 57 -1.82 -13.40 5.04
C PRO A 57 -2.28 -13.08 3.62
N GLY A 58 -1.41 -12.46 2.84
CA GLY A 58 -1.71 -12.15 1.46
C GLY A 58 -1.26 -13.26 0.53
N THR A 59 -1.73 -13.21 -0.71
CA THR A 59 -1.35 -14.21 -1.70
C THR A 59 -1.47 -13.63 -3.12
N SER A 60 -1.28 -14.49 -4.12
CA SER A 60 -1.42 -14.09 -5.51
C SER A 60 -2.89 -14.01 -5.91
N ARG A 61 -3.61 -13.07 -5.29
CA ARG A 61 -5.04 -12.91 -5.56
C ARG A 61 -5.31 -11.68 -6.40
N THR A 62 -6.53 -11.60 -6.93
CA THR A 62 -6.96 -10.43 -7.69
C THR A 62 -7.82 -9.54 -6.79
N ILE A 63 -7.34 -8.34 -6.52
CA ILE A 63 -7.99 -7.45 -5.57
C ILE A 63 -8.82 -6.36 -6.26
N LYS A 64 -10.14 -6.43 -6.14
CA LYS A 64 -11.01 -5.41 -6.68
C LYS A 64 -11.21 -4.31 -5.64
N TYR A 65 -11.37 -3.07 -6.10
CA TYR A 65 -11.53 -1.95 -5.19
C TYR A 65 -12.26 -0.80 -5.88
N SER A 66 -12.94 0.02 -5.09
CA SER A 66 -13.60 1.20 -5.63
C SER A 66 -13.75 2.27 -4.56
N GLY A 67 -14.24 3.45 -4.96
CA GLY A 67 -14.42 4.54 -4.03
C GLY A 67 -13.68 5.80 -4.46
N SER A 68 -13.71 6.82 -3.62
CA SER A 68 -13.09 8.09 -3.96
C SER A 68 -11.78 8.29 -3.22
N TYR A 69 -10.80 8.85 -3.94
CA TYR A 69 -9.48 9.09 -3.37
C TYR A 69 -8.99 10.49 -3.73
N ASN A 70 -8.77 11.32 -2.72
CA ASN A 70 -8.38 12.70 -2.94
C ASN A 70 -7.16 13.12 -2.12
N PRO A 71 -6.00 13.22 -2.77
CA PRO A 71 -4.74 13.62 -2.14
C PRO A 71 -4.43 15.11 -2.28
N ASN A 72 -3.72 15.65 -1.29
CA ASN A 72 -3.21 17.01 -1.33
C ASN A 72 -1.86 17.06 -0.63
N GLY A 73 -0.82 16.71 -1.37
CA GLY A 73 0.52 16.56 -0.83
C GLY A 73 0.95 15.11 -0.92
N ASN A 74 1.98 14.73 -0.16
CA ASN A 74 2.46 13.36 -0.14
C ASN A 74 1.37 12.37 0.25
N SER A 75 0.96 11.55 -0.71
CA SER A 75 -0.09 10.58 -0.48
C SER A 75 -0.11 9.50 -1.54
N TYR A 76 -0.50 8.28 -1.17
CA TYR A 76 -0.69 7.24 -2.20
C TYR A 76 -1.82 6.27 -1.86
N LEU A 77 -2.48 5.81 -2.92
CA LEU A 77 -3.43 4.72 -2.86
C LEU A 77 -2.79 3.51 -3.55
N ALA A 78 -2.56 2.44 -2.79
CA ALA A 78 -1.80 1.32 -3.33
C ALA A 78 -2.14 -0.02 -2.69
N VAL A 79 -1.89 -1.10 -3.42
CA VAL A 79 -1.90 -2.43 -2.82
C VAL A 79 -0.59 -2.61 -2.06
N TYR A 80 -0.70 -2.72 -0.73
CA TYR A 80 0.45 -2.62 0.15
C TYR A 80 0.54 -3.81 1.09
N GLY A 81 1.74 -4.39 1.21
CA GLY A 81 1.94 -5.55 2.05
C GLY A 81 3.39 -5.82 2.40
N TRP A 82 3.60 -6.87 3.18
CA TRP A 82 4.94 -7.27 3.62
C TRP A 82 5.21 -8.75 3.35
N THR A 83 6.49 -9.11 3.23
CA THR A 83 6.90 -10.50 3.21
C THR A 83 8.05 -10.69 4.19
N ARG A 84 8.25 -11.92 4.65
CA ARG A 84 9.36 -12.23 5.54
C ARG A 84 10.27 -13.28 4.93
N ASN A 85 11.57 -13.17 5.22
CA ASN A 85 12.59 -14.08 4.70
C ASN A 85 12.54 -14.23 3.17
N PRO A 86 12.98 -13.19 2.44
CA PRO A 86 13.56 -11.96 2.96
C PRO A 86 12.51 -10.88 3.26
N LEU A 87 12.81 -10.03 4.24
CA LEU A 87 11.91 -8.96 4.65
C LEU A 87 11.75 -7.92 3.52
N ILE A 88 10.53 -7.79 3.01
CA ILE A 88 10.27 -6.92 1.87
C ILE A 88 8.94 -6.18 1.98
N GLU A 89 8.97 -4.87 1.72
CA GLU A 89 7.77 -4.05 1.70
C GLU A 89 7.36 -3.79 0.25
N TYR A 90 6.19 -4.24 -0.17
CA TYR A 90 5.82 -4.07 -1.57
C TYR A 90 4.62 -3.14 -1.81
N TYR A 91 4.67 -2.43 -2.94
CA TYR A 91 3.66 -1.46 -3.31
C TYR A 91 3.15 -1.70 -4.73
N ILE A 92 1.85 -1.66 -4.91
CA ILE A 92 1.27 -1.56 -6.24
C ILE A 92 0.51 -0.25 -6.32
N VAL A 93 1.26 0.83 -6.54
CA VAL A 93 0.72 2.18 -6.49
C VAL A 93 -0.29 2.46 -7.60
N GLU A 94 -1.56 2.47 -7.23
CA GLU A 94 -2.64 2.70 -8.17
C GLU A 94 -2.89 4.20 -8.35
N ASN A 95 -2.59 4.97 -7.32
CA ASN A 95 -2.77 6.41 -7.38
C ASN A 95 -1.81 7.12 -6.41
N PHE A 96 -1.52 8.39 -6.68
CA PHE A 96 -0.72 9.21 -5.78
C PHE A 96 -0.76 10.67 -6.21
N GLY A 97 -0.46 11.57 -5.27
CA GLY A 97 -0.59 12.99 -5.51
C GLY A 97 0.67 13.67 -6.02
N THR A 98 1.12 14.67 -5.28
CA THR A 98 2.36 15.43 -5.26
C THR A 98 3.54 14.67 -5.84
N TYR A 99 3.85 13.88 -4.82
CA TYR A 99 5.13 13.16 -4.78
C TYR A 99 5.00 11.71 -5.21
N ASN A 100 5.81 11.30 -6.17
CA ASN A 100 5.93 9.89 -6.53
C ASN A 100 6.67 9.15 -5.43
N PRO A 101 5.98 8.24 -4.74
CA PRO A 101 6.55 7.54 -3.58
C PRO A 101 7.76 6.67 -3.93
N SER A 102 7.88 6.28 -5.20
CA SER A 102 8.97 5.41 -5.63
C SER A 102 10.20 6.20 -6.03
N SER A 103 10.22 7.49 -5.72
CA SER A 103 11.34 8.36 -6.08
C SER A 103 12.64 7.87 -5.46
N GLY A 104 13.70 7.84 -6.26
CA GLY A 104 14.99 7.36 -5.80
C GLY A 104 15.10 5.86 -5.89
N GLY A 105 14.07 5.23 -6.44
CA GLY A 105 14.06 3.78 -6.61
C GLY A 105 14.68 3.38 -7.93
N GLN A 106 15.62 2.43 -7.87
CA GLN A 106 16.26 1.92 -9.06
C GLN A 106 15.25 1.16 -9.93
N LYS A 107 15.07 1.60 -11.17
CA LYS A 107 14.09 0.98 -12.05
C LYS A 107 14.58 -0.35 -12.59
N LYS A 108 13.81 -1.40 -12.35
CA LYS A 108 14.18 -2.75 -12.76
C LYS A 108 13.51 -3.17 -14.07
N GLY A 109 12.43 -2.48 -14.43
CA GLY A 109 11.72 -2.79 -15.66
C GLY A 109 10.33 -2.20 -15.71
N GLU A 110 9.47 -2.82 -16.53
CA GLU A 110 8.08 -2.39 -16.69
C GLU A 110 7.16 -3.59 -16.84
N VAL A 111 5.86 -3.37 -16.67
CA VAL A 111 4.89 -4.45 -16.83
C VAL A 111 3.51 -3.92 -17.22
N ASN A 112 2.91 -4.51 -18.24
CA ASN A 112 1.58 -4.08 -18.67
C ASN A 112 0.48 -4.97 -18.12
N VAL A 113 -0.33 -4.42 -17.21
CA VAL A 113 -1.38 -5.20 -16.57
C VAL A 113 -2.51 -4.31 -16.08
N ASP A 114 -3.74 -4.83 -16.20
CA ASP A 114 -4.95 -4.16 -15.71
C ASP A 114 -5.13 -2.77 -16.32
N GLY A 115 -5.07 -2.71 -17.65
CA GLY A 115 -5.41 -1.50 -18.38
C GLY A 115 -4.38 -0.38 -18.35
N SER A 116 -3.17 -0.70 -17.93
CA SER A 116 -2.09 0.30 -17.91
C SER A 116 -0.71 -0.30 -17.78
N VAL A 117 0.30 0.57 -17.83
CA VAL A 117 1.69 0.16 -17.66
C VAL A 117 2.22 0.61 -16.30
N TYR A 118 2.84 -0.34 -15.60
CA TYR A 118 3.45 -0.09 -14.30
C TYR A 118 4.97 -0.07 -14.43
N ASP A 119 5.60 0.92 -13.82
CA ASP A 119 7.05 0.98 -13.74
C ASP A 119 7.53 0.26 -12.49
N ILE A 120 8.52 -0.61 -12.64
CA ILE A 120 8.99 -1.43 -11.54
C ILE A 120 10.27 -0.88 -10.92
N TYR A 121 10.21 -0.55 -9.63
CA TYR A 121 11.37 -0.02 -8.94
C TYR A 121 11.78 -0.88 -7.74
N VAL A 122 12.99 -0.66 -7.25
CA VAL A 122 13.45 -1.30 -6.04
C VAL A 122 14.30 -0.32 -5.23
N SER A 123 14.02 -0.22 -3.94
CA SER A 123 14.80 0.67 -3.10
C SER A 123 15.19 -0.02 -1.80
N THR A 124 16.04 0.62 -0.99
CA THR A 124 16.45 0.03 0.27
C THR A 124 16.31 1.01 1.43
N ARG A 125 15.60 0.59 2.47
CA ARG A 125 15.47 1.38 3.69
C ARG A 125 16.42 0.86 4.75
N VAL A 126 17.26 1.76 5.27
CA VAL A 126 18.24 1.38 6.28
C VAL A 126 17.81 1.85 7.66
N ASN A 127 17.80 0.91 8.62
CA ASN A 127 17.44 1.19 10.00
C ASN A 127 16.06 1.82 10.12
N ALA A 128 15.10 1.28 9.36
CA ALA A 128 13.76 1.85 9.31
C ALA A 128 12.74 0.95 10.01
N PRO A 129 11.65 1.56 10.53
CA PRO A 129 10.56 0.81 11.16
C PRO A 129 9.91 -0.21 10.22
N SER A 130 9.76 -1.45 10.69
CA SER A 130 9.13 -2.50 9.91
C SER A 130 8.23 -3.35 10.81
N ILE A 131 7.63 -4.38 10.22
CA ILE A 131 6.78 -5.30 10.99
C ILE A 131 7.61 -6.09 12.01
N ASP A 132 8.92 -6.08 11.83
CA ASP A 132 9.83 -6.67 12.80
C ASP A 132 10.71 -5.58 13.42
N GLY A 133 10.14 -4.39 13.59
CA GLY A 133 10.83 -3.30 14.23
C GLY A 133 11.92 -2.68 13.37
N ASN A 134 12.87 -2.02 14.03
CA ASN A 134 13.95 -1.33 13.34
C ASN A 134 14.84 -2.28 12.56
N LYS A 135 14.71 -2.27 11.23
CA LYS A 135 15.50 -3.13 10.37
C LYS A 135 15.82 -2.50 9.02
N THR A 136 16.80 -3.06 8.33
CA THR A 136 17.14 -2.67 6.97
C THR A 136 16.50 -3.63 5.98
N PHE A 137 15.62 -3.12 5.13
CA PHE A 137 14.83 -3.98 4.24
C PHE A 137 14.72 -3.39 2.83
N GLN A 138 14.15 -4.16 1.90
CA GLN A 138 13.98 -3.71 0.53
C GLN A 138 12.53 -3.36 0.24
N GLN A 139 12.31 -2.43 -0.68
CA GLN A 139 10.95 -2.09 -1.10
C GLN A 139 10.80 -2.36 -2.59
N TYR A 140 9.74 -3.08 -2.94
CA TYR A 140 9.40 -3.36 -4.33
C TYR A 140 8.29 -2.40 -4.76
N TRP A 141 8.44 -1.81 -5.94
CA TRP A 141 7.46 -0.84 -6.42
C TRP A 141 6.91 -1.21 -7.78
N SER A 142 5.59 -1.10 -7.91
CA SER A 142 4.93 -1.12 -9.21
C SER A 142 4.04 0.11 -9.33
N VAL A 143 4.51 1.14 -10.03
CA VAL A 143 3.80 2.41 -10.10
C VAL A 143 2.99 2.55 -11.37
N ARG A 144 1.68 2.76 -11.22
CA ARG A 144 0.77 2.92 -12.35
C ARG A 144 0.94 4.28 -13.02
N ARG A 145 1.22 4.26 -14.32
CA ARG A 145 1.39 5.50 -15.08
C ARG A 145 0.05 6.24 -15.19
N ASN A 146 -1.01 5.50 -15.44
CA ASN A 146 -2.34 6.09 -15.52
C ASN A 146 -3.11 5.90 -14.22
N LYS A 147 -3.09 6.92 -13.37
CA LYS A 147 -3.68 6.83 -12.03
C LYS A 147 -5.18 6.60 -12.07
N ARG A 148 -5.68 5.82 -11.12
CA ARG A 148 -7.10 5.53 -11.01
C ARG A 148 -7.49 5.33 -9.55
N SER A 149 -8.79 5.37 -9.28
CA SER A 149 -9.29 5.24 -7.91
C SER A 149 -10.19 4.02 -7.76
N SER A 150 -10.40 3.31 -8.86
CA SER A 150 -11.23 2.10 -8.84
C SER A 150 -10.81 1.14 -9.95
N GLY A 151 -10.92 -0.16 -9.66
CA GLY A 151 -10.55 -1.18 -10.63
C GLY A 151 -10.12 -2.47 -9.96
N SER A 152 -9.38 -3.29 -10.68
CA SER A 152 -8.88 -4.55 -10.12
C SER A 152 -7.37 -4.67 -10.28
N VAL A 153 -6.74 -5.39 -9.36
CA VAL A 153 -5.30 -5.54 -9.35
C VAL A 153 -4.89 -7.02 -9.27
N ASN A 154 -4.30 -7.52 -10.35
CA ASN A 154 -3.74 -8.87 -10.37
C ASN A 154 -2.39 -8.88 -9.67
N THR A 155 -2.40 -9.11 -8.36
CA THR A 155 -1.18 -9.07 -7.56
C THR A 155 -0.18 -10.15 -7.99
N GLY A 156 -0.71 -11.31 -8.39
CA GLY A 156 0.13 -12.40 -8.84
C GLY A 156 0.93 -12.02 -10.07
N ALA A 157 0.31 -11.23 -10.95
CA ALA A 157 0.97 -10.76 -12.16
C ALA A 157 2.15 -9.86 -11.80
N HIS A 158 1.93 -8.95 -10.86
CA HIS A 158 2.99 -8.07 -10.38
C HIS A 158 4.11 -8.87 -9.74
N PHE A 159 3.74 -9.90 -8.98
CA PHE A 159 4.71 -10.74 -8.31
C PHE A 159 5.57 -11.50 -9.31
N GLN A 160 4.95 -11.97 -10.39
CA GLN A 160 5.67 -12.67 -11.44
C GLN A 160 6.61 -11.72 -12.18
N ALA A 161 6.08 -10.56 -12.57
CA ALA A 161 6.88 -9.55 -13.26
C ALA A 161 8.08 -9.13 -12.41
N TRP A 162 7.89 -9.10 -11.10
CA TRP A 162 8.96 -8.80 -10.17
C TRP A 162 9.97 -9.93 -10.14
N LYS A 163 9.47 -11.16 -10.08
CA LYS A 163 10.32 -12.34 -10.01
C LYS A 163 11.22 -12.43 -11.24
N ASN A 164 10.70 -11.99 -12.38
CA ASN A 164 11.49 -11.95 -13.61
C ASN A 164 12.74 -11.07 -13.48
N VAL A 165 12.55 -9.83 -13.04
CA VAL A 165 13.66 -8.88 -12.96
C VAL A 165 14.51 -9.09 -11.70
N GLY A 166 14.29 -10.20 -11.00
CA GLY A 166 15.13 -10.58 -9.89
C GLY A 166 14.67 -10.07 -8.54
N LEU A 167 13.45 -9.55 -8.47
CA LEU A 167 12.90 -9.06 -7.21
C LEU A 167 12.02 -10.13 -6.57
N ASN A 168 12.66 -11.15 -6.01
CA ASN A 168 11.95 -12.27 -5.40
C ASN A 168 11.36 -11.91 -4.04
N LEU A 169 10.29 -12.60 -3.66
CA LEU A 169 9.59 -12.32 -2.41
C LEU A 169 9.72 -13.47 -1.42
N GLY A 170 9.47 -13.18 -0.14
CA GLY A 170 9.46 -14.20 0.88
C GLY A 170 8.04 -14.66 1.16
N THR A 171 7.84 -15.37 2.27
CA THR A 171 6.50 -15.80 2.66
C THR A 171 5.69 -14.60 3.13
N HIS A 172 4.45 -14.51 2.68
CA HIS A 172 3.63 -13.32 2.86
C HIS A 172 3.19 -13.05 4.29
N ASP A 173 3.18 -11.77 4.66
CA ASP A 173 2.49 -11.32 5.85
C ASP A 173 1.16 -10.73 5.40
N TYR A 174 0.76 -9.58 5.94
CA TYR A 174 -0.55 -9.02 5.59
C TYR A 174 -0.52 -8.34 4.22
N GLN A 175 -1.72 -8.10 3.67
CA GLN A 175 -1.86 -7.53 2.34
C GLN A 175 -3.15 -6.71 2.24
N ILE A 176 -3.02 -5.39 2.31
CA ILE A 176 -4.17 -4.51 2.37
C ILE A 176 -4.20 -3.49 1.24
N LEU A 177 -5.38 -2.93 1.00
CA LEU A 177 -5.51 -1.74 0.16
C LEU A 177 -5.24 -0.52 1.04
N ALA A 178 -4.06 0.05 0.89
CA ALA A 178 -3.61 1.11 1.79
C ALA A 178 -3.76 2.50 1.18
N VAL A 179 -4.26 3.41 2.02
CA VAL A 179 -4.22 4.84 1.78
C VAL A 179 -3.18 5.42 2.73
N GLU A 180 -2.25 6.20 2.17
CA GLU A 180 -1.17 6.79 2.95
C GLU A 180 -1.07 8.29 2.73
N GLY A 181 -0.76 9.00 3.81
CA GLY A 181 -0.50 10.43 3.75
C GLY A 181 0.69 10.78 4.63
N TYR A 182 1.63 11.53 4.08
CA TYR A 182 2.84 11.90 4.82
C TYR A 182 3.04 13.41 4.85
N TYR A 183 2.74 14.01 6.00
CA TYR A 183 2.83 15.46 6.18
C TYR A 183 2.17 16.21 5.04
N SER A 184 0.88 15.95 4.90
CA SER A 184 0.07 16.52 3.84
C SER A 184 -1.38 16.49 4.28
N SER A 185 -2.29 16.91 3.40
CA SER A 185 -3.70 16.77 3.70
C SER A 185 -4.35 15.88 2.66
N GLY A 186 -5.50 15.32 2.98
CA GLY A 186 -6.19 14.46 2.05
C GLY A 186 -7.27 13.62 2.70
N SER A 187 -7.99 12.86 1.88
CA SER A 187 -9.06 12.01 2.37
C SER A 187 -9.45 10.98 1.33
N ALA A 188 -9.90 9.82 1.79
CA ALA A 188 -10.32 8.76 0.89
C ALA A 188 -11.41 7.91 1.53
N SER A 189 -12.40 7.55 0.72
CA SER A 189 -13.41 6.57 1.12
C SER A 189 -13.31 5.39 0.15
N MET A 190 -12.74 4.29 0.63
CA MET A 190 -12.45 3.17 -0.25
C MET A 190 -13.08 1.88 0.23
N THR A 191 -13.73 1.16 -0.69
CA THR A 191 -14.26 -0.16 -0.37
C THR A 191 -13.51 -1.22 -1.16
N VAL A 192 -13.12 -2.29 -0.46
CA VAL A 192 -12.33 -3.36 -1.04
C VAL A 192 -13.20 -4.60 -1.25
N SER A 193 -12.80 -5.44 -2.20
CA SER A 193 -13.57 -6.61 -2.59
C SER A 193 -12.68 -7.59 -3.34
N GLN A 194 -13.18 -8.80 -3.56
CA GLN A 194 -12.42 -9.81 -4.27
C GLN A 194 -13.22 -10.40 -5.43
#